data_6XRO
#
_entry.id   6XRO
#
_cell.length_a   111.710
_cell.length_b   111.710
_cell.length_c   124.380
_cell.angle_alpha   90.000
_cell.angle_beta   90.000
_cell.angle_gamma   120.000
#
_symmetry.space_group_name_H-M   'H 3 2'
#
loop_
_entity.id
_entity.type
_entity.pdbx_description
1 polymer 'Rhomboid protease GlpG'
2 polymer 'peptide boronate inhibitor'
3 non-polymer 'CHLORIDE ION'
4 non-polymer 'SODIUM ION'
5 water water
#
loop_
_entity_poly.entity_id
_entity_poly.type
_entity_poly.pdbx_seq_one_letter_code
_entity_poly.pdbx_strand_id
1 'polypeptide(L)'
;MGSSHHHHHHSSGLVPRGSHMAALRERAGPVTWVMMIACVVVFIAMQILGDQEVMLWLAWPFDPTLKFEFWRYFTHALMH
FSLMHILFNLLWWWYLGGAVEKRLGSGKLIVITLISALLSGYVQQKFSGPWFGGLSGVVYALMGYVWLRGERDPQSGIYL
QRGLIIFALIWIVAGWFDLFGMSMANGAHIAGLAVGLAMAFVDSLNARKRK
;
A
2 'polypeptide(L)' KRFRSMQYS(B2A) B
#
loop_
_chem_comp.id
_chem_comp.type
_chem_comp.name
_chem_comp.formula
B2A peptide-like 'ALANINE BORONIC ACID' 'C2 H8 B N O2'
CL non-polymer 'CHLORIDE ION' 'Cl -1'
NA non-polymer 'SODIUM ION' 'Na 1'
#
# COMPACT_ATOMS: atom_id res chain seq x y z
N GLU A 26 -11.31 9.82 -18.70
CA GLU A 26 -10.99 8.98 -17.56
C GLU A 26 -9.73 9.42 -16.84
N ARG A 27 -9.04 8.44 -16.23
CA ARG A 27 -7.92 8.65 -15.31
C ARG A 27 -7.41 7.30 -14.81
N ALA A 28 -8.33 6.40 -14.44
CA ALA A 28 -7.98 5.13 -13.82
C ALA A 28 -7.80 4.05 -14.89
N GLY A 29 -6.55 3.63 -15.12
CA GLY A 29 -6.28 2.42 -15.85
C GLY A 29 -6.86 1.19 -15.18
N PRO A 30 -6.75 0.03 -15.82
CA PRO A 30 -7.37 -1.17 -15.24
C PRO A 30 -6.76 -1.61 -13.91
N VAL A 31 -5.45 -1.48 -13.71
CA VAL A 31 -4.86 -1.91 -12.45
C VAL A 31 -5.31 -0.99 -11.31
N THR A 32 -5.20 0.33 -11.53
CA THR A 32 -5.73 1.28 -10.55
C THR A 32 -7.19 0.99 -10.21
N TRP A 33 -8.00 0.72 -11.24
CA TRP A 33 -9.43 0.52 -11.07
C TRP A 33 -9.72 -0.77 -10.30
N VAL A 34 -9.08 -1.87 -10.68
CA VAL A 34 -9.41 -3.16 -10.10
C VAL A 34 -9.03 -3.20 -8.62
N MET A 35 -7.91 -2.58 -8.25
CA MET A 35 -7.54 -2.50 -6.84
C MET A 35 -8.59 -1.74 -6.03
N MET A 36 -9.06 -0.58 -6.55
CA MET A 36 -10.11 0.19 -5.86
C MET A 36 -11.37 -0.65 -5.67
N ILE A 37 -11.86 -1.26 -6.75
CA ILE A 37 -13.00 -2.16 -6.66
C ILE A 37 -12.75 -3.25 -5.62
N ALA A 38 -11.57 -3.87 -5.68
CA ALA A 38 -11.26 -4.97 -4.78
C ALA A 38 -11.27 -4.51 -3.32
N CYS A 39 -10.70 -3.33 -3.03
CA CYS A 39 -10.72 -2.83 -1.67
C CYS A 39 -12.13 -2.52 -1.20
N VAL A 40 -12.97 -2.00 -2.10
CA VAL A 40 -14.34 -1.66 -1.73
C VAL A 40 -15.14 -2.93 -1.45
N VAL A 41 -15.03 -3.92 -2.36
CA VAL A 41 -15.73 -5.18 -2.14
C VAL A 41 -15.31 -5.82 -0.82
N VAL A 42 -14.00 -5.89 -0.55
CA VAL A 42 -13.55 -6.47 0.71
C VAL A 42 -14.11 -5.67 1.89
N PHE A 43 -14.07 -4.33 1.81
CA PHE A 43 -14.56 -3.50 2.91
C PHE A 43 -16.03 -3.77 3.20
N ILE A 44 -16.84 -3.92 2.15
CA ILE A 44 -18.25 -4.26 2.34
C ILE A 44 -18.38 -5.60 3.05
N ALA A 45 -17.68 -6.63 2.54
CA ALA A 45 -17.65 -7.94 3.20
C ALA A 45 -17.32 -7.81 4.68
N MET A 46 -16.41 -6.91 5.02
CA MET A 46 -16.03 -6.72 6.41
C MET A 46 -17.15 -6.07 7.22
N GLN A 47 -17.94 -5.16 6.62
CA GLN A 47 -19.07 -4.59 7.35
C GLN A 47 -20.15 -5.63 7.60
N ILE A 48 -20.38 -6.53 6.63
CA ILE A 48 -21.41 -7.55 6.77
C ILE A 48 -20.97 -8.62 7.76
N LEU A 49 -19.79 -9.20 7.54
CA LEU A 49 -19.30 -10.33 8.32
C LEU A 49 -18.53 -9.94 9.57
N GLY A 50 -18.11 -8.69 9.69
CA GLY A 50 -17.15 -8.37 10.76
C GLY A 50 -15.74 -8.54 10.28
N ASP A 51 -14.83 -7.73 10.85
CA ASP A 51 -13.45 -7.70 10.39
C ASP A 51 -12.74 -9.05 10.53
N GLN A 52 -12.92 -9.71 11.68
N GLN A 52 -12.90 -9.70 11.69
CA GLN A 52 -12.09 -10.89 11.97
CA GLN A 52 -12.10 -10.88 11.95
C GLN A 52 -12.48 -12.07 11.10
C GLN A 52 -12.45 -12.01 11.00
N GLU A 53 -13.74 -12.18 10.71
CA GLU A 53 -14.13 -13.22 9.76
C GLU A 53 -13.45 -13.04 8.41
N VAL A 54 -13.20 -11.80 7.99
CA VAL A 54 -12.50 -11.59 6.73
C VAL A 54 -10.99 -11.74 6.93
N MET A 55 -10.46 -11.31 8.07
CA MET A 55 -9.08 -11.65 8.43
C MET A 55 -8.82 -13.15 8.35
N LEU A 56 -9.77 -13.96 8.84
CA LEU A 56 -9.61 -15.41 8.79
C LEU A 56 -9.29 -15.91 7.39
N TRP A 57 -9.82 -15.26 6.36
CA TRP A 57 -9.59 -15.69 4.99
C TRP A 57 -8.43 -14.98 4.31
N LEU A 58 -8.24 -13.69 4.58
CA LEU A 58 -7.33 -12.88 3.79
C LEU A 58 -6.07 -12.45 4.51
N ALA A 59 -5.97 -12.70 5.82
CA ALA A 59 -4.83 -12.18 6.56
C ALA A 59 -3.58 -13.02 6.28
N TRP A 60 -2.43 -12.39 6.49
CA TRP A 60 -1.14 -13.07 6.52
C TRP A 60 -1.29 -14.34 7.34
N PRO A 61 -0.72 -15.48 6.91
CA PRO A 61 -0.92 -16.73 7.64
C PRO A 61 -0.65 -16.58 9.13
N PHE A 62 -1.65 -16.86 9.95
CA PHE A 62 -1.52 -16.73 11.39
C PHE A 62 -1.42 -18.08 12.07
N ASP A 63 -1.36 -19.15 11.28
CA ASP A 63 -1.23 -20.50 11.75
C ASP A 63 -0.35 -21.24 10.76
N PRO A 64 0.57 -22.09 11.23
CA PRO A 64 1.41 -22.88 10.30
C PRO A 64 0.62 -23.57 9.22
N THR A 65 -0.58 -24.05 9.53
CA THR A 65 -1.39 -24.71 8.53
C THR A 65 -1.84 -23.77 7.40
N LEU A 66 -1.65 -22.45 7.52
CA LEU A 66 -2.10 -21.55 6.46
C LEU A 66 -0.95 -21.11 5.56
N LYS A 67 0.24 -21.67 5.76
CA LYS A 67 1.44 -21.18 5.08
C LYS A 67 1.41 -21.42 3.57
N PHE A 68 0.61 -22.37 3.08
CA PHE A 68 0.58 -22.63 1.64
C PHE A 68 -0.55 -21.90 0.93
N GLU A 69 -1.45 -21.25 1.66
CA GLU A 69 -2.49 -20.40 1.08
C GLU A 69 -1.82 -19.12 0.60
N PHE A 70 -1.38 -19.14 -0.67
N PHE A 70 -1.35 -19.12 -0.65
CA PHE A 70 -0.42 -18.18 -1.21
CA PHE A 70 -0.38 -18.12 -1.09
C PHE A 70 -0.99 -16.76 -1.26
C PHE A 70 -0.97 -16.74 -1.31
N TRP A 71 -2.30 -16.62 -1.49
CA TRP A 71 -2.89 -15.29 -1.60
C TRP A 71 -2.68 -14.45 -0.34
N ARG A 72 -2.57 -15.10 0.84
CA ARG A 72 -2.47 -14.38 2.11
C ARG A 72 -1.25 -13.45 2.18
N TYR A 73 -0.18 -13.73 1.43
CA TYR A 73 1.00 -12.88 1.52
C TYR A 73 0.76 -11.55 0.84
N PHE A 74 -0.35 -11.41 0.14
CA PHE A 74 -0.73 -10.20 -0.56
C PHE A 74 -2.07 -9.63 -0.11
N THR A 75 -3.03 -10.48 0.23
CA THR A 75 -4.39 -9.98 0.40
C THR A 75 -4.60 -9.23 1.71
N HIS A 76 -3.62 -9.23 2.64
CA HIS A 76 -3.70 -8.36 3.81
C HIS A 76 -3.82 -6.89 3.40
N ALA A 77 -3.36 -6.53 2.21
CA ALA A 77 -3.40 -5.16 1.73
C ALA A 77 -4.78 -4.71 1.25
N LEU A 78 -5.74 -5.63 1.12
CA LEU A 78 -7.08 -5.35 0.61
C LEU A 78 -8.08 -5.04 1.72
N MET A 79 -7.67 -5.15 2.98
CA MET A 79 -8.54 -5.02 4.13
C MET A 79 -8.32 -3.68 4.82
N HIS A 80 -9.40 -3.03 5.20
CA HIS A 80 -9.32 -1.78 5.92
C HIS A 80 -10.24 -1.83 7.12
N PHE A 81 -9.77 -1.29 8.25
CA PHE A 81 -10.52 -1.36 9.50
C PHE A 81 -11.31 -0.10 9.79
N SER A 82 -11.19 0.92 8.95
CA SER A 82 -11.85 2.19 9.22
C SER A 82 -12.13 2.90 7.90
N LEU A 83 -13.26 3.58 7.87
CA LEU A 83 -13.69 4.34 6.70
C LEU A 83 -12.66 5.39 6.32
N MET A 84 -12.10 6.07 7.30
CA MET A 84 -11.21 7.17 6.97
C MET A 84 -9.93 6.65 6.33
N HIS A 85 -9.44 5.46 6.75
CA HIS A 85 -8.22 4.92 6.16
C HIS A 85 -8.46 4.35 4.76
N ILE A 86 -9.62 3.73 4.49
CA ILE A 86 -9.84 3.28 3.12
C ILE A 86 -9.96 4.47 2.18
N LEU A 87 -10.65 5.53 2.64
CA LEU A 87 -10.81 6.71 1.79
C LEU A 87 -9.47 7.37 1.49
N PHE A 88 -8.63 7.57 2.49
CA PHE A 88 -7.34 8.22 2.21
C PHE A 88 -6.40 7.29 1.42
N ASN A 89 -6.35 6.00 1.77
CA ASN A 89 -5.53 5.07 1.00
C ASN A 89 -5.96 5.03 -0.46
N LEU A 90 -7.26 4.92 -0.71
CA LEU A 90 -7.69 4.81 -2.09
C LEU A 90 -7.50 6.13 -2.82
N LEU A 91 -7.58 7.26 -2.11
CA LEU A 91 -7.32 8.55 -2.75
C LEU A 91 -5.87 8.65 -3.22
N TRP A 92 -4.93 8.36 -2.32
CA TRP A 92 -3.51 8.32 -2.68
C TRP A 92 -3.23 7.26 -3.75
N TRP A 93 -3.83 6.07 -3.61
CA TRP A 93 -3.64 5.04 -4.61
C TRP A 93 -4.18 5.50 -5.97
N TRP A 94 -5.39 6.08 -5.97
CA TRP A 94 -5.95 6.61 -7.20
C TRP A 94 -5.02 7.62 -7.86
N TYR A 95 -4.45 8.54 -7.06
CA TYR A 95 -3.62 9.60 -7.63
C TYR A 95 -2.25 9.10 -8.05
N LEU A 96 -1.50 8.51 -7.12
CA LEU A 96 -0.15 8.10 -7.42
C LEU A 96 -0.14 6.83 -8.23
N GLY A 97 -0.88 5.80 -7.78
CA GLY A 97 -1.07 4.62 -8.60
C GLY A 97 -1.55 4.96 -10.00
N GLY A 98 -2.55 5.84 -10.10
CA GLY A 98 -3.06 6.24 -11.41
C GLY A 98 -1.99 6.91 -12.27
N ALA A 99 -1.16 7.76 -11.66
CA ALA A 99 -0.06 8.38 -12.40
C ALA A 99 0.94 7.33 -12.88
N VAL A 100 1.40 6.45 -12.00
CA VAL A 100 2.39 5.44 -12.40
C VAL A 100 1.89 4.62 -13.59
N GLU A 101 0.63 4.18 -13.54
CA GLU A 101 0.09 3.35 -14.62
C GLU A 101 0.06 4.10 -15.95
N LYS A 102 -0.38 5.36 -15.93
CA LYS A 102 -0.53 6.09 -17.18
C LYS A 102 0.82 6.40 -17.81
N ARG A 103 1.80 6.80 -17.00
CA ARG A 103 3.08 7.23 -17.55
C ARG A 103 4.05 6.08 -17.76
N LEU A 104 3.99 5.03 -16.91
CA LEU A 104 4.94 3.93 -16.94
C LEU A 104 4.35 2.59 -17.31
N GLY A 105 3.03 2.42 -17.26
CA GLY A 105 2.40 1.20 -17.71
C GLY A 105 1.73 0.45 -16.56
N SER A 106 0.77 -0.41 -16.95
CA SER A 106 0.10 -1.27 -15.98
C SER A 106 1.08 -2.20 -15.27
N GLY A 107 2.01 -2.80 -16.01
CA GLY A 107 2.89 -3.79 -15.42
C GLY A 107 3.79 -3.23 -14.34
N LYS A 108 4.27 -2.00 -14.54
CA LYS A 108 5.09 -1.33 -13.53
C LYS A 108 4.32 -1.16 -12.21
N LEU A 109 3.06 -0.72 -12.31
CA LEU A 109 2.21 -0.60 -11.12
C LEU A 109 1.97 -1.95 -10.48
N ILE A 110 1.77 -2.99 -11.29
CA ILE A 110 1.61 -4.35 -10.78
C ILE A 110 2.81 -4.77 -9.91
N VAL A 111 4.04 -4.52 -10.41
CA VAL A 111 5.20 -5.07 -9.68
C VAL A 111 5.49 -4.24 -8.43
N ILE A 112 5.38 -2.91 -8.52
CA ILE A 112 5.44 -2.10 -7.30
C ILE A 112 4.47 -2.65 -6.26
N THR A 113 3.23 -2.88 -6.68
CA THR A 113 2.20 -3.32 -5.73
C THR A 113 2.52 -4.69 -5.14
N LEU A 114 2.91 -5.67 -6.00
CA LEU A 114 3.27 -7.00 -5.49
C LEU A 114 4.42 -6.94 -4.51
N ILE A 115 5.45 -6.17 -4.85
CA ILE A 115 6.66 -6.18 -4.04
C ILE A 115 6.42 -5.44 -2.73
N SER A 116 5.73 -4.30 -2.79
CA SER A 116 5.50 -3.57 -1.54
C SER A 116 4.53 -4.32 -0.63
N ALA A 117 3.51 -4.97 -1.21
CA ALA A 117 2.56 -5.69 -0.35
C ALA A 117 3.24 -6.86 0.34
N LEU A 118 4.14 -7.53 -0.37
CA LEU A 118 4.78 -8.71 0.17
C LEU A 118 5.83 -8.35 1.20
N LEU A 119 6.71 -7.40 0.87
CA LEU A 119 7.77 -7.04 1.81
C LEU A 119 7.22 -6.30 3.01
N SER A 120 6.22 -5.43 2.80
CA SER A 120 5.66 -4.70 3.94
C SER A 120 4.93 -5.66 4.89
N GLY A 121 4.21 -6.64 4.33
CA GLY A 121 3.56 -7.63 5.19
C GLY A 121 4.57 -8.49 5.94
N TYR A 122 5.64 -8.90 5.25
CA TYR A 122 6.66 -9.70 5.92
C TYR A 122 7.31 -8.91 7.05
N VAL A 123 7.66 -7.64 6.82
CA VAL A 123 8.27 -6.84 7.88
C VAL A 123 7.28 -6.58 9.01
N GLN A 124 6.01 -6.32 8.68
CA GLN A 124 5.01 -6.06 9.71
C GLN A 124 4.80 -7.26 10.61
N GLN A 125 4.69 -8.47 10.04
CA GLN A 125 4.41 -9.59 10.92
C GLN A 125 5.64 -10.00 11.70
N LYS A 126 6.83 -9.72 11.16
CA LYS A 126 8.07 -10.01 11.89
C LYS A 126 8.13 -9.24 13.21
N PHE A 127 7.74 -7.97 13.19
CA PHE A 127 7.83 -7.14 14.38
C PHE A 127 6.63 -7.31 15.30
N SER A 128 5.43 -7.58 14.76
CA SER A 128 4.20 -7.42 15.54
C SER A 128 3.15 -8.48 15.25
N GLY A 129 3.46 -9.51 14.48
CA GLY A 129 2.50 -10.56 14.25
C GLY A 129 1.61 -10.27 13.07
N PRO A 130 0.69 -11.19 12.80
CA PRO A 130 -0.01 -11.21 11.51
C PRO A 130 -1.35 -10.50 11.47
N TRP A 131 -1.77 -9.86 12.56
CA TRP A 131 -3.09 -9.22 12.62
C TRP A 131 -2.99 -7.76 12.19
N PHE A 132 -2.81 -7.58 10.89
CA PHE A 132 -2.66 -6.27 10.30
C PHE A 132 -3.39 -6.30 8.96
N GLY A 133 -3.62 -5.12 8.40
CA GLY A 133 -4.25 -5.02 7.10
C GLY A 133 -4.17 -3.60 6.61
N GLY A 134 -4.47 -3.42 5.33
CA GLY A 134 -4.47 -2.06 4.80
C GLY A 134 -3.50 -1.83 3.66
N LEU A 135 -3.88 -0.95 2.74
CA LEU A 135 -3.11 -0.61 1.56
C LEU A 135 -1.99 0.39 1.82
N SER A 136 -1.64 1.02 2.71
CA SER A 136 -0.67 2.07 2.98
C SER A 136 0.76 1.64 2.68
N GLY A 137 0.88 0.19 3.13
CA GLY A 137 2.21 -0.26 2.75
C GLY A 137 2.46 0.03 1.29
N VAL A 138 1.48 -0.28 0.45
CA VAL A 138 1.56 0.04 -0.98
C VAL A 138 1.55 1.54 -1.19
N VAL A 139 0.70 2.28 -0.46
CA VAL A 139 0.65 3.73 -0.63
C VAL A 139 2.00 4.36 -0.31
N TYR A 140 2.65 3.92 0.78
CA TYR A 140 3.98 4.46 1.13
C TYR A 140 5.02 4.17 0.05
N ALA A 141 4.95 2.98 -0.58
CA ALA A 141 5.87 2.67 -1.66
C ALA A 141 5.62 3.57 -2.86
N LEU A 142 4.35 3.86 -3.17
CA LEU A 142 4.05 4.76 -4.27
C LEU A 142 4.54 6.17 -3.99
N MET A 143 4.34 6.65 -2.76
CA MET A 143 4.81 7.97 -2.39
C MET A 143 6.32 8.09 -2.57
N GLY A 144 7.07 7.18 -1.95
CA GLY A 144 8.50 7.17 -2.14
C GLY A 144 8.93 6.95 -3.58
N TYR A 145 8.22 6.07 -4.31
CA TYR A 145 8.59 5.82 -5.69
C TYR A 145 8.41 7.08 -6.54
N VAL A 146 7.21 7.67 -6.52
CA VAL A 146 6.94 8.82 -7.37
C VAL A 146 7.84 9.98 -7.00
N TRP A 147 8.05 10.21 -5.71
CA TRP A 147 8.85 11.35 -5.30
C TRP A 147 10.31 11.18 -5.72
N LEU A 148 10.91 10.05 -5.38
CA LEU A 148 12.32 9.86 -5.70
C LEU A 148 12.55 9.79 -7.21
N ARG A 149 11.66 9.11 -7.94
CA ARG A 149 11.82 9.01 -9.38
C ARG A 149 11.77 10.38 -10.02
N GLY A 150 10.85 11.23 -9.56
CA GLY A 150 10.80 12.60 -10.05
C GLY A 150 12.06 13.39 -9.72
N GLU A 151 12.61 13.17 -8.53
CA GLU A 151 13.79 13.92 -8.12
C GLU A 151 15.04 13.50 -8.90
N ARG A 152 15.16 12.22 -9.25
CA ARG A 152 16.36 11.72 -9.92
C ARG A 152 16.21 11.66 -11.43
N ASP A 153 15.06 11.23 -11.90
CA ASP A 153 14.79 10.99 -13.32
C ASP A 153 13.68 11.92 -13.77
N PRO A 154 13.92 13.24 -13.74
CA PRO A 154 12.80 14.19 -13.76
C PRO A 154 11.87 14.03 -14.95
N GLN A 155 12.40 13.78 -16.13
CA GLN A 155 11.59 13.84 -17.34
C GLN A 155 11.32 12.45 -17.90
N SER A 156 11.08 11.49 -17.01
CA SER A 156 10.32 10.28 -17.37
C SER A 156 8.82 10.50 -17.20
N GLY A 157 8.40 11.68 -16.75
CA GLY A 157 7.02 12.06 -16.70
C GLY A 157 6.35 11.85 -15.35
N ILE A 158 7.09 11.43 -14.34
CA ILE A 158 6.53 11.12 -13.03
C ILE A 158 7.24 11.98 -12.00
N TYR A 159 6.47 12.73 -11.23
CA TYR A 159 7.02 13.51 -10.13
C TYR A 159 5.88 13.84 -9.16
N LEU A 160 6.26 14.15 -7.93
CA LEU A 160 5.32 14.57 -6.89
C LEU A 160 5.49 16.08 -6.69
N GLN A 161 4.45 16.84 -7.01
CA GLN A 161 4.48 18.28 -6.81
C GLN A 161 4.75 18.61 -5.34
N ARG A 162 5.60 19.62 -5.14
CA ARG A 162 5.89 20.26 -3.86
C ARG A 162 4.75 20.19 -2.85
N GLY A 163 3.60 20.73 -3.22
CA GLY A 163 2.46 20.72 -2.31
C GLY A 163 2.06 19.32 -1.89
N LEU A 164 1.87 18.42 -2.86
CA LEU A 164 1.46 17.09 -2.50
C LEU A 164 2.52 16.36 -1.69
N ILE A 165 3.81 16.65 -1.91
CA ILE A 165 4.76 15.90 -1.11
C ILE A 165 4.79 16.44 0.31
N ILE A 166 4.43 17.72 0.51
CA ILE A 166 4.22 18.19 1.87
C ILE A 166 3.08 17.42 2.53
N PHE A 167 1.99 17.21 1.79
N PHE A 167 1.96 17.28 1.81
CA PHE A 167 0.88 16.49 2.38
CA PHE A 167 0.85 16.46 2.27
C PHE A 167 1.19 14.99 2.53
C PHE A 167 1.33 15.05 2.60
N ALA A 168 2.06 14.44 1.67
CA ALA A 168 2.53 13.07 1.88
C ALA A 168 3.44 12.99 3.09
N LEU A 169 4.33 13.96 3.24
CA LEU A 169 5.21 14.02 4.40
C LEU A 169 4.40 14.12 5.70
N ILE A 170 3.34 14.91 5.69
CA ILE A 170 2.47 15.01 6.86
C ILE A 170 1.78 13.67 7.13
N TRP A 171 1.24 13.03 6.09
CA TRP A 171 0.64 11.72 6.26
C TRP A 171 1.64 10.74 6.87
N ILE A 172 2.89 10.77 6.40
CA ILE A 172 3.91 9.89 6.93
C ILE A 172 4.18 10.19 8.40
N VAL A 173 4.29 11.48 8.75
CA VAL A 173 4.53 11.84 10.14
C VAL A 173 3.34 11.43 11.01
N ALA A 174 2.12 11.58 10.49
CA ALA A 174 0.94 11.14 11.23
C ALA A 174 1.04 9.67 11.63
N GLY A 175 1.48 8.82 10.68
CA GLY A 175 1.56 7.40 10.98
C GLY A 175 2.69 7.08 11.92
N TRP A 176 3.84 7.76 11.76
CA TRP A 176 4.99 7.47 12.61
C TRP A 176 4.69 7.80 14.07
N PHE A 177 4.12 8.96 14.34
CA PHE A 177 3.80 9.35 15.70
C PHE A 177 2.40 8.92 16.11
N ASP A 178 1.76 8.07 15.31
CA ASP A 178 0.43 7.50 15.56
C ASP A 178 -0.56 8.58 16.00
N LEU A 179 -0.73 9.57 15.14
CA LEU A 179 -1.75 10.58 15.39
C LEU A 179 -3.15 10.10 14.98
N PHE A 180 -3.29 8.82 14.67
CA PHE A 180 -4.51 8.23 14.13
C PHE A 180 -5.23 7.41 15.20
N GLY A 181 -6.40 6.90 14.81
CA GLY A 181 -7.23 6.10 15.69
C GLY A 181 -6.53 4.90 16.28
N MET A 182 -6.23 3.90 15.47
CA MET A 182 -5.71 2.66 16.01
C MET A 182 -4.20 2.63 15.88
N SER A 183 -3.60 1.52 16.34
CA SER A 183 -2.17 1.30 16.21
C SER A 183 -1.76 1.26 14.75
N MET A 184 -0.60 1.84 14.45
CA MET A 184 -0.11 1.86 13.08
C MET A 184 0.80 0.67 12.85
N ALA A 185 0.74 0.13 11.63
CA ALA A 185 1.65 -0.93 11.22
C ALA A 185 2.96 -0.27 10.82
N ASN A 186 3.83 -0.09 11.82
CA ASN A 186 5.06 0.69 11.59
C ASN A 186 6.04 -0.05 10.71
N GLY A 187 6.12 -1.38 10.84
CA GLY A 187 7.02 -2.13 9.99
C GLY A 187 6.55 -2.17 8.55
N ALA A 188 5.24 -2.35 8.34
CA ALA A 188 4.71 -2.24 6.98
C ALA A 188 5.01 -0.88 6.39
N HIS A 189 4.56 0.07 7.27
CA HIS A 189 4.77 1.41 6.73
C HIS A 189 6.24 1.62 6.34
N ILE A 190 7.53 1.35 7.17
CA ILE A 190 8.95 1.47 6.89
C ILE A 190 9.30 0.65 5.65
N ALA A 191 8.88 -0.62 5.63
CA ALA A 191 9.24 -1.48 4.52
C ALA A 191 8.66 -0.96 3.20
N GLY A 192 7.40 -0.52 3.21
CA GLY A 192 6.78 -0.04 1.99
C GLY A 192 7.51 1.16 1.42
N LEU A 193 7.80 2.15 2.27
CA LEU A 193 8.55 3.31 1.80
C LEU A 193 9.91 2.90 1.24
N ALA A 194 10.63 2.04 1.97
CA ALA A 194 11.92 1.53 1.51
C ALA A 194 11.82 0.88 0.13
N VAL A 195 10.85 -0.03 -0.05
CA VAL A 195 10.63 -0.65 -1.36
C VAL A 195 10.45 0.42 -2.44
N GLY A 196 9.68 1.47 -2.15
CA GLY A 196 9.38 2.46 -3.16
C GLY A 196 10.59 3.27 -3.57
N LEU A 197 11.37 3.72 -2.58
CA LEU A 197 12.58 4.46 -2.86
C LEU A 197 13.60 3.60 -3.60
N ALA A 198 13.70 2.33 -3.23
CA ALA A 198 14.69 1.45 -3.83
C ALA A 198 14.34 1.13 -5.28
N MET A 199 13.07 0.86 -5.57
CA MET A 199 12.67 0.65 -6.95
C MET A 199 12.83 1.91 -7.78
N ALA A 200 12.60 3.08 -7.19
CA ALA A 200 12.78 4.32 -7.93
C ALA A 200 14.25 4.55 -8.23
N PHE A 201 15.12 4.24 -7.27
CA PHE A 201 16.56 4.30 -7.49
C PHE A 201 16.98 3.34 -8.61
N VAL A 202 16.52 2.08 -8.53
CA VAL A 202 16.86 1.10 -9.55
C VAL A 202 16.36 1.56 -10.92
N ASP A 203 15.09 2.00 -11.00
CA ASP A 203 14.57 2.50 -12.27
C ASP A 203 15.26 3.78 -12.73
N SER A 204 15.97 4.48 -11.84
CA SER A 204 16.67 5.71 -12.21
C SER A 204 18.04 5.43 -12.82
N LEU A 205 18.63 4.26 -12.54
CA LEU A 205 19.91 3.94 -13.13
C LEU A 205 19.78 3.85 -14.65
N ASN A 206 18.72 3.21 -15.13
CA ASN A 206 18.38 3.21 -16.55
C ASN A 206 18.29 4.65 -17.06
N ALA A 207 19.23 5.06 -17.90
CA ALA A 207 19.28 6.42 -18.44
C ALA A 207 19.25 7.46 -17.33
N GLN B 7 -4.18 -5.76 16.77
CA GLN B 7 -4.61 -5.15 15.49
C GLN B 7 -3.81 -3.90 15.07
N TYR B 8 -3.44 -3.82 13.78
CA TYR B 8 -2.57 -2.76 13.28
C TYR B 8 -2.97 -2.35 11.87
N SER B 9 -2.90 -0.93 11.65
CA SER B 9 -3.30 -0.53 10.28
C SER B 9 -2.10 -0.12 9.46
N B2A B 10 -1.63 -1.14 7.90
CA B2A B 10 -0.58 -0.57 7.06
CB B2A B 10 -0.13 -1.62 6.03
B B2A B 10 -1.21 0.66 6.32
O1 B2A B 10 -2.36 0.26 5.70
O2 B2A B 10 -1.61 1.51 7.23
CL CL C . 4.46 -2.12 14.29
CL CL D . -10.84 7.83 -12.70
NA NA E . -1.58 4.82 7.19
NA NA F . -5.05 1.56 6.59
#